data_5QGY
#
_entry.id   5QGY
#
_cell.length_a   124.224
_cell.length_b   124.224
_cell.length_c   40.901
_cell.angle_alpha   90.000
_cell.angle_beta   90.000
_cell.angle_gamma   120.000
#
_symmetry.space_group_name_H-M   'P 3 2 1'
#
loop_
_entity.id
_entity.type
_entity.pdbx_description
1 polymer 'Peroxisomal coenzyme A diphosphatase NUDT7'
2 non-polymer 'ACETATE ION'
3 non-polymer 'DIMETHYL SULFOXIDE'
4 non-polymer N-(3-chlorophenyl)-2-phenylacetamide
5 water water
#
_entity_poly.entity_id   1
_entity_poly.type   'polypeptide(L)'
_entity_poly.pdbx_seq_one_letter_code
;SMLDDAKARLRKYDIGGKYSHLPYNKYSVLLPLVAKEGKLHLLFTVRSEKLRRAPGEVCFPGGKRDPTDMDDAATALREA
QEEVGLR(HYP)HQVEVV(CSO)CLVPCLIDTDTLITPFVGLIDHNFQAQPNPAEVKDVFLVPLAYFLHPQVHDQHYVTR
LGHRFINHIFEYTNPEDGVTYQIKGMTANLAVLVAFIILEKKPT
;
_entity_poly.pdbx_strand_id   A
#
loop_
_chem_comp.id
_chem_comp.type
_chem_comp.name
_chem_comp.formula
ACT non-polymer 'ACETATE ION' 'C2 H3 O2 -1'
DMS non-polymer 'DIMETHYL SULFOXIDE' 'C2 H6 O S'
H1Y non-polymer N-(3-chlorophenyl)-2-phenylacetamide 'C14 H12 Cl N O'
#
# COMPACT_ATOMS: atom_id res chain seq x y z
N SER A 1 -0.34 -16.14 -16.61
CA SER A 1 -1.55 -15.77 -15.82
C SER A 1 -1.42 -14.33 -15.33
N MET A 2 -2.55 -13.72 -14.97
CA MET A 2 -2.59 -12.33 -14.47
C MET A 2 -1.64 -12.14 -13.29
N LEU A 3 -1.68 -13.08 -12.36
CA LEU A 3 -0.90 -12.93 -11.13
C LEU A 3 0.58 -13.20 -11.35
N ASP A 4 0.88 -14.20 -12.16
CA ASP A 4 2.26 -14.49 -12.53
C ASP A 4 2.87 -13.33 -13.31
N ASP A 5 2.06 -12.72 -14.18
CA ASP A 5 2.46 -11.57 -14.96
C ASP A 5 2.75 -10.37 -14.03
N ALA A 6 1.88 -10.12 -13.06
CA ALA A 6 2.09 -9.01 -12.10
C ALA A 6 3.36 -9.19 -11.29
N LYS A 7 3.55 -10.40 -10.75
CA LYS A 7 4.77 -10.69 -9.98
C LYS A 7 6.05 -10.53 -10.82
N ALA A 8 6.01 -11.02 -12.06
CA ALA A 8 7.17 -10.89 -12.95
C ALA A 8 7.50 -9.41 -13.22
N ARG A 9 6.47 -8.59 -13.42
CA ARG A 9 6.67 -7.15 -13.65
C ARG A 9 7.27 -6.50 -12.41
N LEU A 10 6.67 -6.79 -11.27
CA LEU A 10 7.13 -6.22 -10.00
C LEU A 10 8.57 -6.53 -9.67
N ARG A 11 9.00 -7.76 -9.94
CA ARG A 11 10.35 -8.19 -9.62
C ARG A 11 11.42 -7.37 -10.33
N LYS A 12 11.10 -6.84 -11.49
CA LYS A 12 12.02 -5.99 -12.25
C LYS A 12 12.33 -4.64 -11.57
N TYR A 13 11.50 -4.20 -10.62
CA TYR A 13 11.64 -2.96 -9.93
C TYR A 13 12.11 -3.15 -8.48
N ASP A 14 12.38 -4.39 -8.10
CA ASP A 14 12.74 -4.71 -6.72
C ASP A 14 14.13 -4.13 -6.46
N ILE A 15 14.23 -3.32 -5.43
CA ILE A 15 15.56 -2.84 -5.04
C ILE A 15 16.18 -3.73 -3.96
N GLY A 16 15.39 -4.66 -3.41
CA GLY A 16 15.85 -5.55 -2.36
C GLY A 16 16.24 -4.78 -1.10
N GLY A 17 17.31 -5.23 -0.43
CA GLY A 17 17.78 -4.63 0.83
C GLY A 17 18.85 -3.55 0.71
N LYS A 18 19.06 -3.07 -0.52
CA LYS A 18 20.10 -2.09 -0.86
C LYS A 18 20.17 -0.88 0.11
N TYR A 19 19.03 -0.28 0.43
CA TYR A 19 18.94 0.89 1.29
C TYR A 19 18.55 0.58 2.76
N SER A 20 18.41 -0.71 3.07
CA SER A 20 17.79 -1.12 4.35
C SER A 20 18.63 -0.92 5.61
N HIS A 21 19.96 -0.88 5.49
N HIS A 21 19.96 -0.91 5.49
CA HIS A 21 20.80 -0.74 6.69
CA HIS A 21 20.82 -0.77 6.67
C HIS A 21 21.12 0.71 7.03
C HIS A 21 21.24 0.68 6.96
N LEU A 22 20.79 1.64 6.14
CA LEU A 22 21.09 3.07 6.40
C LEU A 22 20.46 3.57 7.68
N PRO A 23 21.17 4.45 8.42
CA PRO A 23 20.78 4.79 9.81
C PRO A 23 19.63 5.80 9.95
N TYR A 24 18.45 5.45 9.41
CA TYR A 24 17.30 6.29 9.48
C TYR A 24 16.33 5.88 10.57
N ASN A 25 15.38 6.74 10.87
CA ASN A 25 14.13 6.33 11.53
C ASN A 25 13.37 5.56 10.45
N LYS A 26 13.05 4.29 10.71
CA LYS A 26 12.58 3.38 9.65
C LYS A 26 11.12 2.98 9.83
N TYR A 27 10.36 3.14 8.74
CA TYR A 27 8.95 2.71 8.65
C TYR A 27 8.80 1.90 7.39
N SER A 28 7.87 0.94 7.40
CA SER A 28 7.55 0.18 6.21
C SER A 28 6.05 0.26 5.96
N VAL A 29 5.67 0.17 4.68
CA VAL A 29 4.26 0.09 4.29
C VAL A 29 4.12 -1.12 3.38
N LEU A 30 2.92 -1.72 3.43
CA LEU A 30 2.53 -2.80 2.57
C LEU A 30 1.53 -2.29 1.56
N LEU A 31 1.84 -2.51 0.29
CA LEU A 31 0.96 -2.18 -0.81
C LEU A 31 0.25 -3.52 -1.17
N PRO A 32 -0.98 -3.73 -0.68
CA PRO A 32 -1.59 -5.06 -0.77
C PRO A 32 -2.42 -5.19 -2.04
N LEU A 33 -2.03 -6.10 -2.91
CA LEU A 33 -2.71 -6.36 -4.17
C LEU A 33 -3.68 -7.51 -3.99
N VAL A 34 -4.92 -7.26 -4.35
CA VAL A 34 -6.04 -8.18 -4.19
C VAL A 34 -6.62 -8.41 -5.57
N ALA A 35 -6.82 -9.67 -5.96
CA ALA A 35 -7.49 -9.95 -7.24
C ALA A 35 -8.96 -10.24 -6.97
N LYS A 36 -9.84 -9.46 -7.58
CA LYS A 36 -11.31 -9.63 -7.45
C LYS A 36 -11.91 -9.37 -8.81
N GLU A 37 -12.92 -10.15 -9.17
CA GLU A 37 -13.67 -9.89 -10.41
C GLU A 37 -12.78 -9.77 -11.63
N GLY A 38 -11.72 -10.56 -11.66
CA GLY A 38 -10.83 -10.64 -12.76
C GLY A 38 -9.89 -9.44 -12.93
N LYS A 39 -9.78 -8.59 -11.90
CA LYS A 39 -8.95 -7.37 -11.98
C LYS A 39 -8.12 -7.27 -10.72
N LEU A 40 -6.97 -6.60 -10.80
CA LEU A 40 -6.21 -6.31 -9.56
C LEU A 40 -6.70 -5.05 -8.90
N HIS A 41 -6.63 -5.05 -7.56
CA HIS A 41 -7.04 -3.95 -6.73
C HIS A 41 -5.94 -3.69 -5.70
N LEU A 42 -5.87 -2.46 -5.22
CA LEU A 42 -5.10 -2.16 -4.03
C LEU A 42 -6.00 -1.97 -2.84
N LEU A 43 -5.54 -2.44 -1.68
CA LEU A 43 -6.25 -2.29 -0.42
C LEU A 43 -5.68 -1.09 0.33
N PHE A 44 -6.57 -0.22 0.77
CA PHE A 44 -6.23 0.98 1.51
C PHE A 44 -6.94 0.96 2.86
N THR A 45 -6.35 1.69 3.81
CA THR A 45 -7.00 1.91 5.11
C THR A 45 -7.37 3.38 5.23
N VAL A 46 -8.38 3.65 6.05
CA VAL A 46 -8.61 4.98 6.54
C VAL A 46 -8.19 4.97 8.00
N ARG A 47 -7.27 5.85 8.35
CA ARG A 47 -6.75 5.94 9.71
C ARG A 47 -7.84 6.40 10.67
N SER A 48 -7.83 5.86 11.87
CA SER A 48 -8.83 6.22 12.87
C SER A 48 -8.78 7.72 13.16
N GLU A 49 -9.96 8.29 13.43
CA GLU A 49 -10.11 9.73 13.74
C GLU A 49 -9.39 10.10 15.04
N LYS A 50 -9.31 9.14 15.97
CA LYS A 50 -8.71 9.34 17.29
C LYS A 50 -7.17 9.42 17.28
N LEU A 51 -6.53 8.96 16.21
CA LEU A 51 -5.05 9.01 16.12
C LEU A 51 -4.56 10.45 16.01
N ARG A 52 -3.42 10.74 16.65
CA ARG A 52 -2.92 12.12 16.75
C ARG A 52 -2.23 12.62 15.47
N ARG A 53 -1.64 11.71 14.70
CA ARG A 53 -0.99 12.05 13.42
C ARG A 53 -1.79 11.50 12.22
N ALA A 54 -2.33 12.43 11.42
CA ALA A 54 -3.07 12.13 10.18
C ALA A 54 -4.38 11.36 10.39
N PRO A 55 -5.24 11.84 11.33
CA PRO A 55 -6.52 11.18 11.56
C PRO A 55 -7.40 11.24 10.34
N GLY A 56 -8.08 10.13 10.05
CA GLY A 56 -9.00 10.10 8.91
C GLY A 56 -8.37 10.09 7.52
N GLU A 57 -7.04 10.05 7.41
CA GLU A 57 -6.37 10.03 6.09
C GLU A 57 -6.34 8.61 5.53
N VAL A 58 -6.37 8.51 4.20
CA VAL A 58 -6.19 7.25 3.51
C VAL A 58 -4.71 6.91 3.46
N CYS A 59 -4.36 5.68 3.85
CA CYS A 59 -2.99 5.22 3.97
C CYS A 59 -2.93 3.75 3.64
N PHE A 60 -1.74 3.28 3.25
CA PHE A 60 -1.50 1.84 3.21
C PHE A 60 -1.22 1.34 4.61
N PRO A 61 -1.49 0.05 4.86
CA PRO A 61 -1.07 -0.50 6.17
C PRO A 61 0.46 -0.37 6.36
N GLY A 62 0.89 -0.15 7.58
CA GLY A 62 2.34 -0.05 7.85
C GLY A 62 2.60 0.68 9.14
N GLY A 63 3.88 0.94 9.40
CA GLY A 63 4.25 1.58 10.63
C GLY A 63 5.73 1.50 10.90
N LYS A 64 6.11 1.86 12.14
CA LYS A 64 7.53 1.98 12.49
C LYS A 64 8.16 0.62 12.77
N ARG A 65 9.37 0.42 12.29
CA ARG A 65 10.10 -0.79 12.57
C ARG A 65 10.34 -0.86 14.09
N ASP A 66 10.28 -2.07 14.61
CA ASP A 66 10.65 -2.33 16.01
C ASP A 66 11.70 -3.40 16.11
N PRO A 67 12.26 -3.60 17.33
CA PRO A 67 13.37 -4.54 17.41
C PRO A 67 13.09 -5.96 17.06
N THR A 68 11.83 -6.38 17.12
CA THR A 68 11.48 -7.75 16.81
C THR A 68 11.63 -8.09 15.32
N ASP A 69 11.50 -7.07 14.47
CA ASP A 69 11.45 -7.30 13.04
C ASP A 69 12.78 -7.81 12.49
N MET A 70 12.76 -8.95 11.81
CA MET A 70 13.96 -9.50 11.19
C MET A 70 14.48 -8.58 10.08
N ASP A 71 13.55 -7.92 9.39
CA ASP A 71 13.88 -7.03 8.28
C ASP A 71 12.72 -6.05 8.02
N ASP A 72 12.85 -5.20 7.00
CA ASP A 72 11.84 -4.19 6.74
C ASP A 72 10.51 -4.79 6.28
N ALA A 73 10.59 -5.92 5.57
CA ALA A 73 9.36 -6.60 5.10
C ALA A 73 8.56 -7.06 6.33
N ALA A 74 9.26 -7.56 7.32
CA ALA A 74 8.61 -7.99 8.56
C ALA A 74 7.84 -6.88 9.25
N THR A 75 8.37 -5.66 9.23
CA THR A 75 7.67 -4.51 9.75
C THR A 75 6.33 -4.31 9.10
N ALA A 76 6.34 -4.36 7.76
CA ALA A 76 5.14 -4.18 6.99
C ALA A 76 4.07 -5.24 7.33
N LEU A 77 4.50 -6.48 7.41
CA LEU A 77 3.59 -7.59 7.70
C LEU A 77 3.07 -7.53 9.13
N ARG A 78 3.95 -7.21 10.07
CA ARG A 78 3.51 -7.07 11.49
C ARG A 78 2.45 -6.03 11.65
N GLU A 79 2.69 -4.85 11.06
CA GLU A 79 1.75 -3.74 11.15
C GLU A 79 0.44 -4.04 10.40
N ALA A 80 0.53 -4.67 9.24
CA ALA A 80 -0.66 -5.06 8.51
C ALA A 80 -1.54 -6.03 9.34
N GLN A 81 -0.91 -6.97 10.00
CA GLN A 81 -1.63 -7.93 10.87
C GLN A 81 -2.36 -7.16 11.99
N GLU A 82 -1.63 -6.28 12.66
CA GLU A 82 -2.21 -5.46 13.72
C GLU A 82 -3.37 -4.58 13.24
N GLU A 83 -3.24 -3.99 12.05
CA GLU A 83 -4.22 -3.02 11.57
C GLU A 83 -5.45 -3.65 10.92
N VAL A 84 -5.26 -4.68 10.11
CA VAL A 84 -6.36 -5.26 9.34
C VAL A 84 -6.54 -6.77 9.46
N GLY A 85 -5.75 -7.40 10.32
CA GLY A 85 -5.83 -8.85 10.59
C GLY A 85 -5.19 -9.76 9.56
N LEU A 86 -4.42 -9.17 8.64
CA LEU A 86 -3.74 -9.96 7.63
C LEU A 86 -2.65 -10.84 8.24
N ARG A 87 -2.78 -12.15 8.08
CA ARG A 87 -1.84 -13.11 8.66
C ARG A 87 -0.73 -13.44 7.65
N HYP A 88 0.46 -13.83 8.13
CA HYP A 88 1.56 -13.99 7.15
C HYP A 88 1.37 -15.02 6.09
O HYP A 88 1.85 -14.81 4.97
CB HYP A 88 2.85 -14.16 7.96
CG HYP A 88 2.51 -13.44 9.27
CD HYP A 88 1.03 -13.78 9.49
OD1 HYP A 88 2.65 -12.02 9.10
N HIS A 89 0.60 -16.08 6.35
CA HIS A 89 0.30 -17.07 5.32
C HIS A 89 -0.61 -16.48 4.22
N GLN A 90 -1.21 -15.32 4.47
CA GLN A 90 -2.18 -14.72 3.54
C GLN A 90 -1.55 -13.68 2.63
N VAL A 91 -0.23 -13.53 2.72
CA VAL A 91 0.47 -12.54 1.93
C VAL A 91 1.81 -13.06 1.40
N GLU A 92 2.05 -12.81 0.13
CA GLU A 92 3.31 -13.13 -0.49
C GLU A 92 3.96 -11.78 -0.82
N VAL A 93 5.06 -11.47 -0.15
CA VAL A 93 5.81 -10.24 -0.44
C VAL A 93 6.65 -10.48 -1.67
N VAL A 94 6.41 -9.68 -2.70
CA VAL A 94 6.95 -9.89 -4.04
C VAL A 94 8.18 -9.03 -4.24
N CSO A 95 8.12 -7.79 -3.74
CA CSO A 95 9.24 -6.90 -3.87
CB CSO A 95 9.30 -6.45 -5.31
SG CSO A 95 7.96 -5.41 -5.65
C CSO A 95 9.20 -5.71 -2.98
O CSO A 95 8.20 -5.38 -2.33
OD CSO A 95 9.00 -4.21 -6.25
N CYS A 96 10.35 -5.06 -2.95
CA CYS A 96 10.58 -3.83 -2.28
C CYS A 96 10.74 -2.72 -3.33
N LEU A 97 9.87 -1.72 -3.30
CA LEU A 97 9.94 -0.61 -4.23
C LEU A 97 10.85 0.48 -3.68
N VAL A 98 11.14 1.46 -4.52
CA VAL A 98 11.94 2.61 -4.10
C VAL A 98 11.45 3.24 -2.78
N PRO A 99 12.38 3.36 -1.81
CA PRO A 99 11.98 3.98 -0.56
C PRO A 99 11.74 5.47 -0.66
N CYS A 100 10.95 5.99 0.27
N CYS A 100 10.93 5.99 0.26
CA CYS A 100 10.51 7.37 0.32
CA CYS A 100 10.53 7.39 0.33
C CYS A 100 11.29 8.08 1.45
C CYS A 100 11.32 8.06 1.46
N LEU A 101 12.04 9.12 1.14
CA LEU A 101 12.76 9.93 2.15
C LEU A 101 11.89 11.05 2.63
N ILE A 102 11.72 11.20 3.95
CA ILE A 102 11.00 12.36 4.48
C ILE A 102 11.68 12.93 5.72
N ASP A 103 11.45 14.22 5.95
CA ASP A 103 11.85 14.91 7.18
C ASP A 103 13.34 14.91 7.49
N THR A 104 14.16 14.60 6.47
CA THR A 104 15.61 14.53 6.57
C THR A 104 16.15 13.33 7.34
N ASP A 105 15.33 12.67 8.18
CA ASP A 105 15.84 11.62 9.05
C ASP A 105 15.02 10.29 8.98
N THR A 106 14.14 10.16 8.00
CA THR A 106 13.17 9.07 7.98
C THR A 106 13.16 8.44 6.60
N LEU A 107 13.08 7.13 6.57
CA LEU A 107 13.04 6.38 5.34
C LEU A 107 11.88 5.40 5.44
N ILE A 108 10.99 5.48 4.47
CA ILE A 108 9.80 4.63 4.43
C ILE A 108 9.98 3.67 3.28
N THR A 109 9.99 2.37 3.58
CA THR A 109 10.20 1.34 2.60
C THR A 109 8.85 0.67 2.24
N PRO A 110 8.44 0.74 0.96
CA PRO A 110 7.21 0.09 0.50
C PRO A 110 7.46 -1.30 -0.05
N PHE A 111 6.62 -2.26 0.36
CA PHE A 111 6.67 -3.62 -0.13
C PHE A 111 5.35 -3.92 -0.81
N VAL A 112 5.41 -4.58 -1.96
CA VAL A 112 4.18 -4.99 -2.63
C VAL A 112 3.93 -6.43 -2.22
N GLY A 113 2.69 -6.70 -1.82
CA GLY A 113 2.28 -8.02 -1.34
C GLY A 113 1.08 -8.51 -2.11
N LEU A 114 1.11 -9.76 -2.52
CA LEU A 114 -0.06 -10.40 -3.14
C LEU A 114 -0.88 -11.04 -2.02
N ILE A 115 -2.16 -10.71 -1.98
CA ILE A 115 -3.03 -11.07 -0.85
C ILE A 115 -3.90 -12.25 -1.25
N ASP A 116 -4.04 -13.21 -0.35
CA ASP A 116 -4.86 -14.40 -0.58
C ASP A 116 -6.31 -14.05 -0.87
N HIS A 117 -6.90 -14.79 -1.81
CA HIS A 117 -8.31 -14.54 -2.14
C HIS A 117 -9.29 -14.82 -0.99
N ASN A 118 -8.93 -15.58 0.03
CA ASN A 118 -9.84 -15.82 1.16
C ASN A 118 -9.61 -14.85 2.33
N PHE A 119 -8.73 -13.87 2.15
CA PHE A 119 -8.54 -12.86 3.20
C PHE A 119 -9.74 -11.95 3.29
N GLN A 120 -10.19 -11.69 4.50
CA GLN A 120 -11.22 -10.68 4.71
C GLN A 120 -10.81 -9.79 5.85
N ALA A 121 -10.77 -8.50 5.57
CA ALA A 121 -10.20 -7.54 6.52
C ALA A 121 -11.04 -7.49 7.75
N GLN A 122 -10.35 -7.43 8.87
CA GLN A 122 -10.93 -7.22 10.17
C GLN A 122 -10.35 -5.90 10.71
N PRO A 123 -10.91 -4.75 10.29
CA PRO A 123 -10.36 -3.47 10.73
C PRO A 123 -10.23 -3.42 12.25
N ASN A 124 -9.04 -3.10 12.75
CA ASN A 124 -8.83 -2.85 14.18
C ASN A 124 -9.24 -1.39 14.48
N PRO A 125 -10.39 -1.18 15.16
CA PRO A 125 -10.94 0.18 15.24
C PRO A 125 -10.13 1.20 16.05
N ALA A 126 -9.20 0.75 16.86
CA ALA A 126 -8.27 1.69 17.52
C ALA A 126 -7.31 2.34 16.52
N GLU A 127 -7.11 1.69 15.37
CA GLU A 127 -6.17 2.20 14.37
C GLU A 127 -6.77 2.53 13.01
N VAL A 128 -7.81 1.79 12.63
CA VAL A 128 -8.34 1.85 11.30
C VAL A 128 -9.86 2.07 11.37
N LYS A 129 -10.33 3.14 10.73
CA LYS A 129 -11.76 3.47 10.64
C LYS A 129 -12.43 2.71 9.51
N ASP A 130 -11.67 2.37 8.47
CA ASP A 130 -12.25 1.77 7.29
C ASP A 130 -11.13 1.09 6.47
N VAL A 131 -11.52 0.13 5.67
CA VAL A 131 -10.66 -0.56 4.71
C VAL A 131 -11.45 -0.62 3.41
N PHE A 132 -10.80 -0.33 2.29
CA PHE A 132 -11.49 -0.40 1.03
C PHE A 132 -10.52 -0.74 -0.11
N LEU A 133 -11.07 -1.25 -1.20
CA LEU A 133 -10.31 -1.59 -2.37
C LEU A 133 -10.51 -0.55 -3.44
N VAL A 134 -9.45 -0.30 -4.23
CA VAL A 134 -9.57 0.48 -5.46
C VAL A 134 -8.99 -0.33 -6.60
N PRO A 135 -9.71 -0.42 -7.75
CA PRO A 135 -9.08 -1.12 -8.85
C PRO A 135 -7.78 -0.43 -9.26
N LEU A 136 -6.74 -1.21 -9.50
CA LEU A 136 -5.45 -0.66 -9.88
C LEU A 136 -5.54 0.23 -11.13
N ALA A 137 -6.38 -0.14 -12.08
CA ALA A 137 -6.56 0.65 -13.29
C ALA A 137 -7.09 2.06 -13.06
N TYR A 138 -7.78 2.29 -11.96
CA TYR A 138 -8.24 3.62 -11.60
C TYR A 138 -7.08 4.64 -11.61
N PHE A 139 -5.91 4.20 -11.18
CA PHE A 139 -4.77 5.11 -11.00
C PHE A 139 -4.14 5.56 -12.31
N LEU A 140 -4.55 4.94 -13.41
CA LEU A 140 -4.21 5.40 -14.75
C LEU A 140 -5.13 6.52 -15.24
N HIS A 141 -6.34 6.60 -14.72
CA HIS A 141 -7.32 7.63 -15.10
C HIS A 141 -8.08 8.11 -13.88
N PRO A 142 -7.34 8.70 -12.93
CA PRO A 142 -7.96 9.13 -11.68
C PRO A 142 -8.80 10.38 -11.85
N GLN A 143 -9.70 10.60 -10.91
CA GLN A 143 -10.46 11.83 -10.84
C GLN A 143 -9.69 12.77 -9.91
N VAL A 144 -9.10 13.82 -10.49
CA VAL A 144 -8.12 14.64 -9.83
C VAL A 144 -8.81 15.92 -9.37
N HIS A 145 -8.54 16.33 -8.14
CA HIS A 145 -8.99 17.59 -7.58
C HIS A 145 -7.77 18.30 -7.03
N ASP A 146 -7.70 19.61 -7.25
CA ASP A 146 -6.56 20.42 -6.80
C ASP A 146 -6.97 21.20 -5.56
N GLN A 147 -6.27 20.99 -4.44
CA GLN A 147 -6.58 21.64 -3.16
C GLN A 147 -5.59 22.76 -2.87
N ILE A 158 -0.64 24.60 -4.41
CA ILE A 158 -1.80 23.75 -4.60
C ILE A 158 -1.37 22.37 -5.15
N ASN A 159 -1.92 21.29 -4.57
CA ASN A 159 -1.49 19.89 -4.85
C ASN A 159 -2.63 18.93 -5.26
N HIS A 160 -2.27 17.89 -6.01
CA HIS A 160 -3.23 16.98 -6.65
C HIS A 160 -3.78 15.91 -5.67
N ILE A 161 -5.10 15.79 -5.62
CA ILE A 161 -5.82 14.84 -4.77
C ILE A 161 -6.66 13.94 -5.68
N PHE A 162 -6.64 12.62 -5.44
CA PHE A 162 -7.52 11.70 -6.17
C PHE A 162 -8.80 11.52 -5.38
N GLU A 163 -9.95 11.50 -6.06
CA GLU A 163 -11.22 11.14 -5.44
C GLU A 163 -11.72 9.86 -6.07
N TYR A 164 -11.88 8.84 -5.25
CA TYR A 164 -12.38 7.56 -5.72
C TYR A 164 -13.73 7.33 -5.06
N THR A 165 -14.73 7.05 -5.87
CA THR A 165 -16.06 6.68 -5.36
C THR A 165 -16.31 5.20 -5.53
N ASN A 166 -16.56 4.49 -4.42
CA ASN A 166 -16.84 3.07 -4.48
C ASN A 166 -18.23 2.85 -5.07
N PRO A 167 -18.33 2.18 -6.24
CA PRO A 167 -19.66 1.96 -6.85
C PRO A 167 -20.61 1.06 -6.07
N GLU A 168 -20.09 0.31 -5.12
CA GLU A 168 -20.89 -0.55 -4.26
C GLU A 168 -21.82 0.24 -3.36
N ASP A 169 -21.32 1.36 -2.84
CA ASP A 169 -22.02 2.18 -1.86
C ASP A 169 -22.01 3.70 -2.07
N GLY A 170 -21.34 4.20 -3.10
CA GLY A 170 -21.28 5.64 -3.35
C GLY A 170 -20.41 6.48 -2.46
N VAL A 171 -19.60 5.86 -1.60
CA VAL A 171 -18.74 6.57 -0.70
C VAL A 171 -17.51 7.06 -1.46
N THR A 172 -17.17 8.32 -1.27
CA THR A 172 -15.98 8.90 -1.90
C THR A 172 -14.83 8.99 -0.90
N TYR A 173 -13.65 8.57 -1.35
CA TYR A 173 -12.44 8.65 -0.55
C TYR A 173 -11.47 9.56 -1.25
N GLN A 174 -10.70 10.31 -0.47
CA GLN A 174 -9.62 11.14 -0.98
C GLN A 174 -8.32 10.43 -0.77
N ILE A 175 -7.52 10.34 -1.83
CA ILE A 175 -6.23 9.66 -1.75
C ILE A 175 -5.18 10.68 -2.20
N LYS A 176 -4.16 10.88 -1.37
CA LYS A 176 -3.20 11.92 -1.69
C LYS A 176 -1.81 11.58 -1.24
N GLY A 177 -0.87 12.45 -1.58
CA GLY A 177 0.47 12.34 -1.05
C GLY A 177 1.22 11.09 -1.45
N MET A 178 2.05 10.58 -0.54
CA MET A 178 2.87 9.38 -0.75
C MET A 178 1.99 8.21 -1.17
N THR A 179 0.84 8.11 -0.53
CA THR A 179 -0.10 6.99 -0.77
C THR A 179 -0.56 7.02 -2.23
N ALA A 180 -0.99 8.18 -2.70
CA ALA A 180 -1.37 8.34 -4.12
C ALA A 180 -0.22 8.10 -5.06
N ASN A 181 0.95 8.63 -4.73
CA ASN A 181 2.11 8.42 -5.57
C ASN A 181 2.47 6.97 -5.73
N LEU A 182 2.48 6.22 -4.62
CA LEU A 182 2.82 4.81 -4.68
C LEU A 182 1.77 4.00 -5.47
N ALA A 183 0.51 4.38 -5.33
CA ALA A 183 -0.55 3.69 -6.07
C ALA A 183 -0.35 3.82 -7.57
N VAL A 184 0.00 5.02 -8.01
CA VAL A 184 0.26 5.25 -9.43
C VAL A 184 1.46 4.44 -9.88
N LEU A 185 2.53 4.46 -9.10
CA LEU A 185 3.72 3.68 -9.44
C LEU A 185 3.38 2.20 -9.70
N VAL A 186 2.67 1.58 -8.74
CA VAL A 186 2.30 0.18 -8.83
C VAL A 186 1.43 -0.07 -10.09
N ALA A 187 0.48 0.82 -10.33
CA ALA A 187 -0.38 0.73 -11.53
C ALA A 187 0.46 0.79 -12.81
N PHE A 188 1.39 1.75 -12.90
CA PHE A 188 2.27 1.79 -14.07
C PHE A 188 3.07 0.50 -14.24
N ILE A 189 3.70 0.02 -13.16
CA ILE A 189 4.54 -1.14 -13.24
C ILE A 189 3.75 -2.34 -13.78
N ILE A 190 2.55 -2.52 -13.25
CA ILE A 190 1.81 -3.76 -13.53
C ILE A 190 1.01 -3.67 -14.82
N LEU A 191 0.47 -2.51 -15.12
CA LEU A 191 -0.50 -2.37 -16.21
C LEU A 191 0.04 -1.78 -17.49
N GLU A 192 1.21 -1.14 -17.46
CA GLU A 192 1.75 -0.58 -18.72
C GLU A 192 1.97 -1.64 -19.79
N LYS A 193 1.76 -1.24 -21.04
CA LYS A 193 2.11 -2.07 -22.21
C LYS A 193 1.56 -3.47 -22.10
N LYS A 194 0.23 -3.59 -22.08
CA LYS A 194 -0.44 -4.89 -21.98
C LYS A 194 -1.41 -5.04 -23.15
N PRO A 195 -1.30 -6.15 -23.92
CA PRO A 195 -2.34 -6.46 -24.92
C PRO A 195 -3.71 -6.66 -24.25
N THR A 196 -4.78 -6.19 -24.88
CA THR A 196 -6.15 -6.41 -24.37
C THR A 196 -6.68 -7.76 -24.85
C ACT B . -10.96 10.24 3.27
O ACT B . -11.15 9.17 3.90
OXT ACT B . -11.48 10.44 2.17
CH3 ACT B . -10.07 11.31 3.86
C ACT C . 2.90 -16.78 1.33
O ACT C . 2.99 -16.77 2.58
OXT ACT C . 1.80 -16.74 0.75
CH3 ACT C . 4.16 -16.87 0.53
S DMS D . -8.94 -13.22 8.05
O DMS D . -8.98 -13.37 6.56
C1 DMS D . -7.80 -14.29 8.73
C2 DMS D . -8.19 -11.77 8.55
S DMS E . -4.26 -17.22 -3.61
O DMS E . -5.32 -16.19 -3.57
C1 DMS E . -4.78 -18.69 -4.30
C2 DMS E . -3.12 -16.76 -4.80
N1 H1Y F . -0.38 3.04 8.17
C4 H1Y F . -2.72 2.74 8.58
C5 H1Y F . -3.79 2.63 9.45
C6 H1Y F . -3.58 2.69 10.82
C7 H1Y F . -2.31 2.84 11.29
C8 H1Y F . -1.23 2.97 10.44
C10 H1Y F . 2.41 5.78 6.56
C13 H1Y F . 4.92 5.60 7.69
C1 H1Y F . 1.81 3.46 7.29
C2 H1Y F . 0.81 3.63 8.40
C3 H1Y F . -1.45 2.93 9.08
CL1 H1Y F . -2.04 2.91 13.01
O1 H1Y F . 1.09 4.23 9.43
C9 H1Y F . 2.78 4.62 7.22
C11 H1Y F . 3.29 6.85 6.49
C12 H1Y F . 4.54 6.75 7.05
C14 H1Y F . 4.04 4.53 7.78
#